data_2EVL
#
_entry.id   2EVL
#
_cell.length_a   75.705
_cell.length_b   49.312
_cell.length_c   68.481
_cell.angle_alpha   90.00
_cell.angle_beta   122.56
_cell.angle_gamma   90.00
#
_symmetry.space_group_name_H-M   'C 1 2 1'
#
loop_
_entity.id
_entity.type
_entity.pdbx_description
1 polymer 'Glycolipid transfer protein'
2 non-polymer beta-D-galactopyranose
3 non-polymer SPHINGOSINE
4 non-polymer 'LINOLEIC ACID'
5 non-polymer PENTANE
6 non-polymer N-OCTANE
7 water water
#
_entity_poly.entity_id   1
_entity_poly.type   'polypeptide(L)'
_entity_poly.pdbx_seq_one_letter_code
;MALLAEHLLKPLPADKQIETGPFLEAVSHLPPFFDCLGSPVFTPIKADISGNITKIKAVYDTNPAKFRTLQNILEVEKEM
YGAEWPKVGATLALMWLKRGLRFIQVFLQSICDGERDENHPNLIRVNATKAYEMALKKYHGWIVQKIFQAALYAAPYKSD
FLKALSKGQNVTEEECLEKIRLFLVNYTATIDVIYEMYTQMNAELNYKV
;
_entity_poly.pdbx_strand_id   A
#
loop_
_chem_comp.id
_chem_comp.type
_chem_comp.name
_chem_comp.formula
EIC non-polymer 'LINOLEIC ACID' 'C18 H32 O2'
GAL D-saccharide, beta linking beta-D-galactopyranose 'C6 H12 O6'
LNK non-polymer PENTANE 'C5 H12'
OCT non-polymer N-OCTANE 'C8 H18'
SPH non-polymer SPHINGOSINE 'C18 H37 N O2'
#
# COMPACT_ATOMS: atom_id res chain seq x y z
N LEU A 4 11.13 -8.08 4.20
CA LEU A 4 10.31 -6.84 4.41
C LEU A 4 11.19 -5.70 4.94
N ALA A 5 11.87 -5.95 6.06
CA ALA A 5 12.86 -5.02 6.61
C ALA A 5 14.24 -5.11 5.90
N GLU A 6 14.33 -5.93 4.85
CA GLU A 6 15.47 -5.91 3.93
C GLU A 6 15.33 -4.80 2.88
N HIS A 7 14.13 -4.21 2.79
CA HIS A 7 13.87 -3.14 1.81
C HIS A 7 13.09 -2.03 2.48
N LEU A 8 13.68 -1.53 3.55
CA LEU A 8 13.12 -0.43 4.31
C LEU A 8 13.00 0.80 3.43
N LEU A 9 11.94 1.57 3.62
CA LEU A 9 11.82 2.86 2.97
C LEU A 9 12.77 3.81 3.67
N LYS A 10 13.33 4.75 2.92
CA LYS A 10 14.20 5.78 3.50
C LYS A 10 13.37 6.63 4.47
N PRO A 11 14.03 7.35 5.39
CA PRO A 11 13.26 8.26 6.25
C PRO A 11 12.82 9.49 5.46
N LEU A 12 11.85 10.22 5.97
CA LEU A 12 11.48 11.47 5.34
C LEU A 12 12.59 12.51 5.54
N PRO A 13 12.95 13.24 4.47
CA PRO A 13 13.90 14.34 4.65
C PRO A 13 13.22 15.50 5.38
N ALA A 14 13.99 16.49 5.80
CA ALA A 14 13.44 17.64 6.57
C ALA A 14 12.29 18.33 5.85
N ASP A 15 12.37 18.48 4.52
CA ASP A 15 11.32 19.18 3.75
C ASP A 15 10.11 18.30 3.40
N LYS A 16 10.18 17.03 3.82
CA LYS A 16 9.07 16.07 3.71
C LYS A 16 8.72 15.74 2.26
N GLN A 17 9.66 16.02 1.35
CA GLN A 17 9.53 15.65 -0.04
C GLN A 17 10.00 14.22 -0.27
N ILE A 18 9.19 13.46 -1.02
CA ILE A 18 9.50 12.07 -1.33
C ILE A 18 10.03 11.98 -2.75
N GLU A 19 11.27 11.57 -2.88
CA GLU A 19 11.87 11.34 -4.19
C GLU A 19 11.16 10.18 -4.88
N THR A 20 10.83 10.37 -6.15
CA THR A 20 10.00 9.40 -6.88
C THR A 20 10.72 8.10 -7.13
N GLY A 21 11.94 8.18 -7.62
CA GLY A 21 12.67 6.98 -8.06
C GLY A 21 12.92 6.00 -6.94
N PRO A 22 13.57 6.45 -5.85
CA PRO A 22 13.71 5.59 -4.66
C PRO A 22 12.43 5.09 -4.05
N PHE A 23 11.39 5.92 -3.99
CA PHE A 23 10.07 5.48 -3.56
C PHE A 23 9.54 4.27 -4.40
N LEU A 24 9.60 4.38 -5.71
CA LEU A 24 9.11 3.33 -6.58
C LEU A 24 9.94 2.04 -6.46
N GLU A 25 11.26 2.17 -6.39
CA GLU A 25 12.15 1.01 -6.19
C GLU A 25 11.72 0.26 -4.93
N ALA A 26 11.49 1.02 -3.85
CA ALA A 26 11.13 0.47 -2.54
C ALA A 26 9.80 -0.26 -2.54
N VAL A 27 8.75 0.37 -3.06
CA VAL A 27 7.41 -0.27 -3.05
C VAL A 27 7.27 -1.41 -4.07
N SER A 28 8.16 -1.44 -5.06
CA SER A 28 8.20 -2.54 -6.00
C SER A 28 8.58 -3.91 -5.35
N HIS A 29 9.10 -3.90 -4.12
CA HIS A 29 9.41 -5.13 -3.40
C HIS A 29 8.18 -5.69 -2.70
N LEU A 30 7.09 -4.92 -2.68
CA LEU A 30 5.88 -5.34 -1.95
C LEU A 30 5.00 -6.35 -2.70
N PRO A 31 4.68 -6.11 -4.01
CA PRO A 31 3.88 -7.08 -4.75
C PRO A 31 4.29 -8.55 -4.65
N PRO A 32 5.59 -8.88 -4.82
CA PRO A 32 5.99 -10.30 -4.85
C PRO A 32 5.62 -11.14 -3.61
N PHE A 33 5.41 -10.49 -2.46
CA PHE A 33 4.85 -11.17 -1.29
C PHE A 33 3.48 -11.79 -1.55
N PHE A 34 2.68 -11.14 -2.41
CA PHE A 34 1.35 -11.66 -2.76
C PHE A 34 1.38 -13.05 -3.44
N ASP A 35 2.55 -13.43 -3.98
CA ASP A 35 2.71 -14.74 -4.60
C ASP A 35 2.80 -15.89 -3.60
N CYS A 36 2.92 -15.54 -2.31
CA CYS A 36 3.19 -16.51 -1.26
C CYS A 36 2.19 -16.47 -0.09
N LEU A 37 1.03 -15.84 -0.30
CA LEU A 37 -0.09 -15.89 0.66
C LEU A 37 -0.94 -17.11 0.41
N GLY A 38 -0.60 -17.87 -0.62
CA GLY A 38 -1.13 -19.20 -0.85
C GLY A 38 -2.39 -19.29 -1.68
N SER A 39 -2.71 -18.25 -2.45
CA SER A 39 -3.93 -18.25 -3.25
C SER A 39 -3.84 -17.40 -4.53
N PRO A 40 -4.41 -17.89 -5.65
CA PRO A 40 -4.51 -17.14 -6.89
C PRO A 40 -5.59 -16.04 -6.83
N VAL A 41 -6.39 -16.06 -5.77
CA VAL A 41 -7.26 -14.93 -5.45
C VAL A 41 -6.44 -13.62 -5.33
N PHE A 42 -5.18 -13.74 -4.93
CA PHE A 42 -4.30 -12.58 -4.78
C PHE A 42 -3.65 -12.07 -6.08
N THR A 43 -3.86 -12.78 -7.19
CA THR A 43 -3.21 -12.39 -8.44
C THR A 43 -3.72 -11.04 -8.99
N PRO A 44 -5.04 -10.81 -8.98
CA PRO A 44 -5.58 -9.52 -9.39
C PRO A 44 -5.19 -8.38 -8.48
N ILE A 45 -5.02 -8.69 -7.20
CA ILE A 45 -4.57 -7.70 -6.21
C ILE A 45 -3.15 -7.24 -6.51
N LYS A 46 -2.25 -8.19 -6.72
CA LYS A 46 -0.90 -7.90 -7.13
C LYS A 46 -0.90 -7.04 -8.39
N ALA A 47 -1.78 -7.34 -9.34
CA ALA A 47 -1.82 -6.61 -10.62
C ALA A 47 -2.20 -5.14 -10.46
N ASP A 48 -3.10 -4.85 -9.53
CA ASP A 48 -3.54 -3.47 -9.32
C ASP A 48 -2.40 -2.64 -8.75
N ILE A 49 -1.72 -3.19 -7.76
CA ILE A 49 -0.63 -2.51 -7.09
C ILE A 49 0.53 -2.32 -8.05
N SER A 50 0.95 -3.41 -8.70
CA SER A 50 2.01 -3.37 -9.69
C SER A 50 1.66 -2.47 -10.86
N GLY A 51 0.43 -2.59 -11.34
CA GLY A 51 -0.03 -1.79 -12.48
C GLY A 51 0.10 -0.31 -12.18
N ASN A 52 -0.26 0.08 -10.96
CA ASN A 52 -0.13 1.47 -10.53
C ASN A 52 1.30 1.91 -10.37
N ILE A 53 2.13 1.05 -9.79
CA ILE A 53 3.57 1.30 -9.70
C ILE A 53 4.16 1.56 -11.10
N THR A 54 3.82 0.68 -12.03
CA THR A 54 4.24 0.77 -13.44
C THR A 54 3.81 2.05 -14.12
N LYS A 55 2.56 2.45 -13.91
CA LYS A 55 2.02 3.73 -14.41
C LYS A 55 2.79 4.96 -13.89
N ILE A 56 3.14 4.97 -12.62
CA ILE A 56 3.90 6.11 -12.06
C ILE A 56 5.31 6.12 -12.64
N LYS A 57 5.93 4.94 -12.67
CA LYS A 57 7.28 4.77 -13.24
C LYS A 57 7.37 5.23 -14.70
N ALA A 58 6.34 4.94 -15.48
CA ALA A 58 6.35 5.28 -16.89
C ALA A 58 6.25 6.78 -17.08
N VAL A 59 5.52 7.47 -16.22
CA VAL A 59 5.44 8.93 -16.25
C VAL A 59 6.79 9.55 -15.81
N TYR A 60 7.33 9.02 -14.72
CA TYR A 60 8.67 9.40 -14.24
C TYR A 60 9.76 9.30 -15.30
N ASP A 61 9.75 8.20 -16.06
CA ASP A 61 10.82 7.90 -17.02
C ASP A 61 10.88 8.87 -18.20
N THR A 62 9.76 9.57 -18.46
CA THR A 62 9.70 10.54 -19.55
C THR A 62 10.39 11.85 -19.20
N ASN A 63 10.58 12.11 -17.90
CA ASN A 63 11.32 13.29 -17.44
C ASN A 63 11.63 13.18 -15.94
N PRO A 64 12.69 12.43 -15.60
CA PRO A 64 13.06 12.19 -14.22
C PRO A 64 13.25 13.45 -13.38
N ALA A 65 13.77 14.52 -13.97
CA ALA A 65 14.07 15.75 -13.23
C ALA A 65 12.81 16.52 -12.93
N LYS A 66 11.91 16.59 -13.90
CA LYS A 66 10.61 17.25 -13.74
C LYS A 66 9.71 16.55 -12.74
N PHE A 67 9.87 15.23 -12.65
CA PHE A 67 9.08 14.37 -11.80
C PHE A 67 9.95 13.78 -10.66
N ARG A 68 10.96 14.55 -10.23
CA ARG A 68 11.94 14.11 -9.22
C ARG A 68 11.28 13.63 -7.94
N THR A 69 10.25 14.36 -7.51
CA THR A 69 9.49 14.08 -6.30
C THR A 69 8.02 13.76 -6.61
N LEU A 70 7.34 13.12 -5.66
CA LEU A 70 5.91 12.83 -5.76
C LEU A 70 5.08 14.10 -5.84
N GLN A 71 5.42 15.08 -5.02
CA GLN A 71 4.88 16.44 -5.14
C GLN A 71 5.02 17.05 -6.56
N ASN A 72 6.20 16.94 -7.15
CA ASN A 72 6.42 17.36 -8.54
C ASN A 72 5.41 16.76 -9.51
N ILE A 73 5.13 15.47 -9.36
CA ILE A 73 4.15 14.78 -10.20
C ILE A 73 2.78 15.45 -10.16
N LEU A 74 2.24 15.64 -8.96
CA LEU A 74 0.90 16.19 -8.82
C LEU A 74 0.74 17.63 -9.36
N GLU A 75 1.75 18.47 -9.14
CA GLU A 75 1.67 19.87 -9.55
C GLU A 75 1.97 20.03 -11.04
N VAL A 76 2.89 19.23 -11.58
CA VAL A 76 3.17 19.23 -13.00
C VAL A 76 1.95 18.75 -13.80
N GLU A 77 1.35 17.62 -13.38
CA GLU A 77 0.17 17.07 -14.03
C GLU A 77 -1.07 17.95 -13.91
N LYS A 78 -1.24 18.60 -12.76
CA LYS A 78 -2.30 19.57 -12.56
C LYS A 78 -2.21 20.67 -13.64
N GLU A 79 -1.02 21.24 -13.79
CA GLU A 79 -0.72 22.20 -14.84
C GLU A 79 -0.89 21.58 -16.25
N MET A 80 -0.36 20.38 -16.44
CA MET A 80 -0.36 19.68 -17.74
C MET A 80 -1.75 19.32 -18.27
N TYR A 81 -2.66 18.97 -17.38
CA TYR A 81 -3.94 18.41 -17.78
C TYR A 81 -5.15 19.32 -17.60
N GLY A 82 -5.03 20.37 -16.79
CA GLY A 82 -6.23 21.19 -16.51
C GLY A 82 -7.39 20.41 -15.90
N ALA A 83 -8.48 20.28 -16.65
CA ALA A 83 -9.79 19.92 -16.07
C ALA A 83 -9.97 18.44 -15.76
N GLU A 84 -9.17 17.60 -16.40
CA GLU A 84 -9.31 16.15 -16.25
C GLU A 84 -8.56 15.70 -15.00
N TRP A 85 -7.62 16.52 -14.57
CA TRP A 85 -6.92 16.31 -13.32
C TRP A 85 -7.86 16.56 -12.13
N PRO A 86 -7.75 15.75 -11.05
CA PRO A 86 -6.75 14.72 -10.74
C PRO A 86 -7.02 13.30 -11.25
N LYS A 87 -8.10 13.14 -12.01
CA LYS A 87 -8.51 11.82 -12.47
C LYS A 87 -7.78 11.42 -13.74
N VAL A 88 -6.45 11.51 -13.70
CA VAL A 88 -5.57 11.24 -14.84
C VAL A 88 -4.15 10.91 -14.43
N GLY A 89 -3.45 10.21 -15.32
CA GLY A 89 -2.01 10.01 -15.27
C GLY A 89 -1.47 9.34 -14.02
N ALA A 90 -0.23 9.69 -13.67
CA ALA A 90 0.41 9.22 -12.42
C ALA A 90 -0.32 9.67 -11.16
N THR A 91 -0.99 10.82 -11.18
CA THR A 91 -1.78 11.29 -10.01
C THR A 91 -2.88 10.30 -9.64
N LEU A 92 -3.62 9.81 -10.65
CA LEU A 92 -4.65 8.82 -10.40
C LEU A 92 -4.09 7.46 -9.96
N ALA A 93 -3.02 7.01 -10.62
CA ALA A 93 -2.35 5.77 -10.23
C ALA A 93 -1.88 5.80 -8.77
N LEU A 94 -1.26 6.91 -8.36
CA LEU A 94 -0.76 7.06 -6.97
C LEU A 94 -1.91 7.27 -5.99
N MET A 95 -3.04 7.80 -6.44
CA MET A 95 -4.19 7.90 -5.57
C MET A 95 -4.63 6.52 -5.13
N TRP A 96 -4.60 5.58 -6.07
CA TRP A 96 -4.99 4.23 -5.80
C TRP A 96 -3.86 3.43 -5.15
N LEU A 97 -2.61 3.68 -5.57
CA LEU A 97 -1.47 3.03 -4.93
C LEU A 97 -1.44 3.31 -3.43
N LYS A 98 -1.63 4.57 -3.05
CA LYS A 98 -1.59 4.92 -1.64
C LYS A 98 -2.60 4.11 -0.80
N ARG A 99 -3.78 3.84 -1.35
CA ARG A 99 -4.81 3.10 -0.66
C ARG A 99 -4.43 1.63 -0.48
N GLY A 100 -3.76 1.07 -1.49
CA GLY A 100 -3.16 -0.26 -1.39
C GLY A 100 -2.05 -0.31 -0.35
N LEU A 101 -1.17 0.68 -0.36
CA LEU A 101 -0.09 0.71 0.62
C LEU A 101 -0.63 0.90 2.05
N ARG A 102 -1.63 1.78 2.19
CA ARG A 102 -2.29 1.98 3.48
C ARG A 102 -3.01 0.73 3.96
N PHE A 103 -3.64 0.01 3.05
CA PHE A 103 -4.21 -1.29 3.40
C PHE A 103 -3.14 -2.15 4.06
N ILE A 104 -2.00 -2.33 3.39
CA ILE A 104 -0.93 -3.18 3.94
C ILE A 104 -0.42 -2.65 5.30
N GLN A 105 -0.28 -1.35 5.36
CA GLN A 105 0.09 -0.69 6.59
C GLN A 105 -0.87 -1.01 7.73
N VAL A 106 -2.15 -0.77 7.54
CA VAL A 106 -3.13 -0.96 8.59
C VAL A 106 -3.16 -2.42 9.01
N PHE A 107 -3.13 -3.33 8.03
CA PHE A 107 -3.10 -4.76 8.27
C PHE A 107 -1.89 -5.18 9.12
N LEU A 108 -0.69 -4.78 8.71
CA LEU A 108 0.50 -5.21 9.43
C LEU A 108 0.56 -4.66 10.85
N GLN A 109 0.07 -3.44 11.06
CA GLN A 109 0.14 -2.75 12.33
C GLN A 109 -0.86 -3.38 13.31
N SER A 110 -2.06 -3.66 12.81
CA SER A 110 -3.06 -4.45 13.52
C SER A 110 -2.47 -5.76 14.02
N ILE A 111 -1.78 -6.49 13.14
CA ILE A 111 -1.20 -7.78 13.53
C ILE A 111 -0.16 -7.56 14.63
N CYS A 112 0.77 -6.64 14.37
CA CYS A 112 1.81 -6.29 15.32
C CYS A 112 1.25 -5.81 16.67
N ASP A 113 0.14 -5.08 16.66
CA ASP A 113 -0.47 -4.55 17.89
C ASP A 113 -1.24 -5.61 18.69
N GLY A 114 -1.27 -6.83 18.19
CA GLY A 114 -1.80 -7.95 18.93
C GLY A 114 -3.31 -8.04 18.85
N GLU A 115 -3.89 -7.38 17.84
CA GLU A 115 -5.35 -7.43 17.62
C GLU A 115 -5.72 -8.79 17.01
N ARG A 116 -6.79 -9.37 17.54
CA ARG A 116 -7.24 -10.68 17.11
C ARG A 116 -8.69 -10.91 17.53
N ASP A 117 -9.29 -11.93 16.95
CA ASP A 117 -10.59 -12.45 17.40
C ASP A 117 -10.29 -13.44 18.51
N GLU A 118 -10.67 -13.11 19.75
CA GLU A 118 -10.46 -14.00 20.90
C GLU A 118 -11.04 -15.37 20.54
N ASN A 119 -12.26 -15.35 20.01
CA ASN A 119 -12.96 -16.56 19.54
C ASN A 119 -12.21 -17.34 18.46
N HIS A 120 -11.52 -16.61 17.58
CA HIS A 120 -10.70 -17.24 16.51
C HIS A 120 -9.29 -16.61 16.43
N PRO A 121 -8.39 -17.04 17.34
CA PRO A 121 -7.11 -16.36 17.61
C PRO A 121 -6.04 -16.46 16.52
N ASN A 122 -6.04 -17.56 15.76
CA ASN A 122 -4.97 -17.81 14.78
C ASN A 122 -5.37 -17.50 13.33
N LEU A 123 -6.47 -16.78 13.15
CA LEU A 123 -6.87 -16.27 11.85
C LEU A 123 -6.38 -14.82 11.76
N ILE A 124 -6.49 -14.23 10.56
CA ILE A 124 -6.13 -12.83 10.34
C ILE A 124 -7.30 -12.04 9.73
N ARG A 125 -8.51 -12.56 9.90
CA ARG A 125 -9.69 -11.97 9.27
C ARG A 125 -10.05 -10.59 9.85
N VAL A 126 -9.98 -10.49 11.17
CA VAL A 126 -10.26 -9.23 11.86
C VAL A 126 -9.22 -8.15 11.46
N ASN A 127 -7.99 -8.57 11.25
CA ASN A 127 -6.91 -7.67 10.85
C ASN A 127 -7.10 -7.13 9.42
N ALA A 128 -7.40 -8.04 8.50
CA ALA A 128 -7.71 -7.71 7.12
C ALA A 128 -8.95 -6.84 7.01
N THR A 129 -9.99 -7.21 7.75
CA THR A 129 -11.25 -6.47 7.75
C THR A 129 -11.04 -5.03 8.25
N LYS A 130 -10.26 -4.83 9.29
CA LYS A 130 -9.97 -3.45 9.74
C LYS A 130 -9.23 -2.65 8.66
N ALA A 131 -8.20 -3.26 8.06
CA ALA A 131 -7.41 -2.62 7.01
C ALA A 131 -8.29 -2.22 5.83
N TYR A 132 -9.20 -3.11 5.45
CA TYR A 132 -10.14 -2.86 4.37
C TYR A 132 -11.06 -1.70 4.70
N GLU A 133 -11.61 -1.71 5.92
CA GLU A 133 -12.49 -0.63 6.33
C GLU A 133 -11.78 0.72 6.32
N MET A 134 -10.51 0.72 6.73
CA MET A 134 -9.77 1.97 6.88
C MET A 134 -9.24 2.53 5.56
N ALA A 135 -8.83 1.65 4.66
CA ALA A 135 -8.11 2.03 3.43
C ALA A 135 -8.93 2.05 2.13
N LEU A 136 -9.81 1.06 1.96
CA LEU A 136 -10.43 0.78 0.66
C LEU A 136 -11.97 0.81 0.60
N LYS A 137 -12.64 0.30 1.64
CA LYS A 137 -14.07 0.01 1.57
C LYS A 137 -14.95 1.15 1.05
N LYS A 138 -14.67 2.37 1.47
CA LYS A 138 -15.54 3.47 1.10
C LYS A 138 -15.47 3.85 -0.39
N TYR A 139 -14.50 3.28 -1.12
CA TYR A 139 -14.31 3.50 -2.55
C TYR A 139 -14.70 2.28 -3.35
N HIS A 140 -15.30 1.30 -2.68
CA HIS A 140 -15.89 0.16 -3.37
C HIS A 140 -17.43 0.18 -3.28
N GLY A 141 -18.09 -0.06 -4.40
CA GLY A 141 -19.51 -0.35 -4.42
C GLY A 141 -19.80 -1.74 -3.88
N TRP A 142 -21.08 -2.07 -3.78
CA TRP A 142 -21.47 -3.27 -3.05
C TRP A 142 -20.94 -4.54 -3.69
N ILE A 143 -20.80 -4.58 -5.01
CA ILE A 143 -20.33 -5.80 -5.68
C ILE A 143 -18.86 -6.13 -5.33
N VAL A 144 -17.99 -5.13 -5.38
CA VAL A 144 -16.57 -5.34 -5.04
C VAL A 144 -16.45 -5.67 -3.54
N GLN A 145 -17.25 -5.03 -2.71
CA GLN A 145 -17.28 -5.33 -1.27
C GLN A 145 -17.65 -6.79 -1.02
N LYS A 146 -18.63 -7.30 -1.76
CA LYS A 146 -18.98 -8.70 -1.64
C LYS A 146 -17.86 -9.61 -2.10
N ILE A 147 -17.13 -9.19 -3.14
CA ILE A 147 -15.96 -9.95 -3.61
C ILE A 147 -14.85 -9.98 -2.55
N PHE A 148 -14.60 -8.85 -1.88
CA PHE A 148 -13.65 -8.85 -0.77
C PHE A 148 -14.03 -9.85 0.33
N GLN A 149 -15.30 -9.87 0.69
CA GLN A 149 -15.77 -10.81 1.70
C GLN A 149 -15.54 -12.27 1.32
N ALA A 150 -15.64 -12.59 0.04
CA ALA A 150 -15.31 -13.94 -0.46
C ALA A 150 -13.81 -14.19 -0.39
N ALA A 151 -13.04 -13.21 -0.85
CA ALA A 151 -11.57 -13.31 -0.91
C ALA A 151 -10.93 -13.43 0.48
N LEU A 152 -11.61 -12.93 1.49
CA LEU A 152 -11.09 -12.94 2.86
C LEU A 152 -10.86 -14.36 3.36
N TYR A 153 -11.65 -15.30 2.86
CA TYR A 153 -11.51 -16.67 3.25
C TYR A 153 -10.28 -17.35 2.65
N ALA A 154 -9.62 -16.69 1.69
CA ALA A 154 -8.35 -17.19 1.16
C ALA A 154 -7.15 -16.85 2.06
N ALA A 155 -7.35 -15.93 3.00
CA ALA A 155 -6.33 -15.55 3.98
C ALA A 155 -5.75 -16.77 4.73
N PRO A 156 -4.40 -16.85 4.82
CA PRO A 156 -3.82 -17.95 5.58
C PRO A 156 -4.01 -17.75 7.08
N TYR A 157 -3.53 -18.72 7.86
CA TYR A 157 -3.51 -18.59 9.32
C TYR A 157 -2.42 -17.56 9.66
N LYS A 158 -2.57 -16.89 10.79
CA LYS A 158 -1.57 -15.95 11.27
C LYS A 158 -0.18 -16.59 11.33
N SER A 159 -0.08 -17.76 11.96
CA SER A 159 1.18 -18.49 12.07
C SER A 159 1.81 -18.76 10.72
N ASP A 160 1.00 -19.21 9.76
CA ASP A 160 1.50 -19.52 8.44
C ASP A 160 1.94 -18.26 7.71
N PHE A 161 1.22 -17.16 7.95
CA PHE A 161 1.49 -15.87 7.33
C PHE A 161 2.82 -15.32 7.80
N LEU A 162 3.04 -15.37 9.11
CA LEU A 162 4.23 -14.79 9.71
C LEU A 162 5.45 -15.63 9.34
N LYS A 163 5.30 -16.95 9.47
CA LYS A 163 6.34 -17.89 9.06
C LYS A 163 6.73 -17.71 7.58
N ALA A 164 5.74 -17.44 6.73
CA ALA A 164 5.97 -17.25 5.30
C ALA A 164 6.79 -15.98 5.00
N LEU A 165 6.57 -14.92 5.77
CA LEU A 165 7.37 -13.71 5.67
C LEU A 165 8.81 -13.97 6.12
N SER A 166 8.98 -14.82 7.14
CA SER A 166 10.31 -15.30 7.56
C SER A 166 10.76 -16.42 6.60
N LYS A 167 11.07 -16.02 5.37
CA LYS A 167 11.35 -16.95 4.28
C LYS A 167 12.85 -17.12 4.12
N GLN A 169 15.29 -16.01 8.36
CA GLN A 169 14.83 -17.30 7.88
C GLN A 169 14.54 -18.27 9.04
N ASN A 170 15.47 -18.32 10.00
CA ASN A 170 15.34 -19.21 11.17
C ASN A 170 15.07 -18.38 12.42
N VAL A 171 13.82 -17.95 12.59
CA VAL A 171 13.50 -16.81 13.44
C VAL A 171 12.18 -17.00 14.20
N THR A 172 12.09 -16.53 15.45
CA THR A 172 10.85 -16.66 16.21
C THR A 172 9.79 -15.71 15.67
N GLU A 173 8.54 -16.03 15.95
CA GLU A 173 7.44 -15.16 15.58
C GLU A 173 7.62 -13.74 16.17
N GLU A 174 8.04 -13.69 17.43
CA GLU A 174 8.32 -12.43 18.13
C GLU A 174 9.39 -11.59 17.37
N GLU A 175 10.42 -12.27 16.88
CA GLU A 175 11.47 -11.65 16.08
C GLU A 175 10.93 -11.13 14.77
N CYS A 176 10.13 -11.95 14.09
CA CYS A 176 9.50 -11.57 12.84
C CYS A 176 8.66 -10.31 13.04
N LEU A 177 7.88 -10.26 14.11
CA LEU A 177 6.99 -9.15 14.34
C LEU A 177 7.77 -7.88 14.69
N GLU A 178 8.93 -8.04 15.31
CA GLU A 178 9.77 -6.89 15.61
C GLU A 178 10.40 -6.33 14.32
N LYS A 179 10.70 -7.21 13.37
CA LYS A 179 11.14 -6.74 12.04
C LYS A 179 10.01 -6.00 11.30
N ILE A 180 8.79 -6.51 11.41
CA ILE A 180 7.66 -5.85 10.75
C ILE A 180 7.47 -4.46 11.37
N ARG A 181 7.53 -4.38 12.70
CA ARG A 181 7.42 -3.07 13.38
C ARG A 181 8.47 -2.09 12.90
N LEU A 182 9.69 -2.58 12.71
CA LEU A 182 10.79 -1.76 12.19
C LEU A 182 10.46 -1.24 10.76
N PHE A 183 10.12 -2.13 9.83
CA PHE A 183 9.63 -1.74 8.52
C PHE A 183 8.52 -0.65 8.54
N LEU A 184 7.57 -0.79 9.46
CA LEU A 184 6.40 0.08 9.54
C LEU A 184 6.69 1.54 9.89
N VAL A 185 7.85 1.81 10.49
CA VAL A 185 8.17 3.17 10.91
C VAL A 185 8.17 4.13 9.71
N ASN A 186 9.11 3.95 8.79
CA ASN A 186 9.22 4.83 7.65
C ASN A 186 8.13 4.59 6.64
N TYR A 187 7.66 3.35 6.52
CA TYR A 187 6.52 3.02 5.65
C TYR A 187 5.29 3.91 5.98
N THR A 188 4.84 3.84 7.24
CA THR A 188 3.69 4.63 7.70
C THR A 188 3.91 6.11 7.51
N ALA A 189 5.08 6.59 7.92
CA ALA A 189 5.45 8.00 7.78
C ALA A 189 5.34 8.49 6.33
N THR A 190 5.82 7.67 5.38
CA THR A 190 5.81 7.99 3.96
C THR A 190 4.38 8.03 3.44
N ILE A 191 3.57 7.02 3.78
CA ILE A 191 2.19 6.99 3.33
C ILE A 191 1.37 8.16 3.89
N ASP A 192 1.58 8.47 5.16
CA ASP A 192 0.99 9.66 5.77
C ASP A 192 1.31 10.91 4.98
N VAL A 193 2.57 11.09 4.61
CA VAL A 193 2.98 12.24 3.83
C VAL A 193 2.31 12.29 2.42
N ILE A 194 2.11 11.13 1.80
CA ILE A 194 1.44 11.05 0.51
C ILE A 194 -0.03 11.43 0.69
N TYR A 195 -0.66 10.94 1.76
CA TYR A 195 -2.07 11.25 2.04
C TYR A 195 -2.27 12.74 2.33
N GLU A 196 -1.34 13.33 3.08
CA GLU A 196 -1.37 14.75 3.33
C GLU A 196 -1.23 15.53 2.03
N MET A 197 -0.33 15.08 1.16
CA MET A 197 -0.13 15.75 -0.12
C MET A 197 -1.39 15.78 -0.97
N TYR A 198 -2.14 14.68 -0.99
CA TYR A 198 -3.40 14.61 -1.72
C TYR A 198 -4.44 15.58 -1.15
N THR A 199 -4.47 15.71 0.17
CA THR A 199 -5.41 16.60 0.85
C THR A 199 -5.10 18.06 0.53
N GLN A 200 -3.84 18.44 0.63
CA GLN A 200 -3.45 19.83 0.42
C GLN A 200 -3.63 20.28 -1.03
N MET A 201 -3.28 19.38 -1.95
CA MET A 201 -3.41 19.65 -3.38
C MET A 201 -4.86 19.52 -3.85
N ASN A 202 -5.75 19.11 -2.95
CA ASN A 202 -7.13 18.80 -3.28
C ASN A 202 -7.25 17.78 -4.42
N ALA A 203 -6.41 16.75 -4.37
CA ALA A 203 -6.33 15.74 -5.43
C ALA A 203 -7.07 14.44 -5.07
N GLU A 204 -7.64 14.37 -3.86
CA GLU A 204 -8.34 13.17 -3.43
C GLU A 204 -9.73 13.12 -4.06
N LEU A 205 -10.11 11.96 -4.60
CA LEU A 205 -11.45 11.74 -5.16
C LEU A 205 -12.13 10.58 -4.43
N ASN A 206 -13.46 10.64 -4.35
CA ASN A 206 -14.24 9.68 -3.58
C ASN A 206 -15.11 8.77 -4.43
N TYR A 207 -14.93 8.79 -5.74
CA TYR A 207 -15.76 7.95 -6.57
C TYR A 207 -15.55 6.50 -6.17
N LYS A 208 -16.61 5.72 -6.26
CA LYS A 208 -16.59 4.29 -5.92
C LYS A 208 -16.40 3.48 -7.20
N VAL A 209 -15.93 2.24 -7.06
CA VAL A 209 -15.77 1.34 -8.20
C VAL A 209 -16.70 0.14 -8.15
C1 GAL B . -8.03 1.54 -9.98
C2 GAL B . -6.62 1.32 -10.51
C3 GAL B . -6.15 2.61 -11.19
C4 GAL B . -7.17 3.13 -12.22
C5 GAL B . -8.52 3.27 -11.53
C6 GAL B . -9.60 3.79 -12.49
O1 GAL B . -8.55 0.34 -9.44
O2 GAL B . -5.77 0.97 -9.42
O3 GAL B . -4.89 2.43 -11.76
O4 GAL B . -7.29 2.22 -13.31
O5 GAL B . -8.92 2.03 -10.97
O6 GAL B . -10.69 4.16 -11.67
C1 SPH C . -9.65 0.33 -8.64
C2 SPH C . -9.69 -0.87 -7.72
N2 SPH C . -8.55 -0.82 -6.83
C3 SPH C . -9.76 -2.15 -8.56
O3 SPH C . -10.99 -2.10 -9.29
C4 SPH C . -9.77 -3.41 -7.73
C5 SPH C . -8.75 -4.27 -7.78
C6 SPH C . -8.83 -5.55 -6.96
C7 SPH C . -9.53 -6.62 -7.83
C8 SPH C . -11.05 -6.68 -7.61
C9 SPH C . -11.85 -7.12 -8.83
C10 SPH C . -12.48 -8.50 -8.62
C11 SPH C . -13.25 -9.00 -9.83
C12 SPH C . -13.04 -10.51 -10.07
C13 SPH C . -14.15 -11.13 -10.94
C14 SPH C . -13.89 -12.63 -11.14
C15 SPH C . -14.95 -13.32 -11.99
C16 SPH C . -15.39 -14.70 -11.48
C17 SPH C . -14.43 -15.80 -11.90
C18 SPH C . -14.78 -16.36 -13.26
C1 EIC D . -7.94 -0.96 -5.71
C2 EIC D . -6.74 -1.12 -4.77
C3 EIC D . -6.47 -2.61 -4.52
C4 EIC D . -5.49 -2.86 -3.37
C5 EIC D . -5.92 -4.11 -2.59
C6 EIC D . -5.08 -4.42 -1.34
C7 EIC D . -5.55 -5.77 -0.80
C8 EIC D . -4.38 -6.57 -0.23
C9 EIC D . -4.65 -7.96 0.33
C10 EIC D . -5.81 -8.65 0.50
C11 EIC D . -7.23 -8.21 0.16
C12 EIC D . -8.12 -9.43 -0.02
C13 EIC D . -8.52 -10.23 0.97
C14 EIC D . -8.13 -10.04 2.42
C15 EIC D . -7.06 -11.05 2.82
C16 EIC D . -5.89 -10.41 3.58
C17 EIC D . -4.61 -11.26 3.54
C18 EIC D . -3.38 -10.40 3.76
O1 EIC D . -9.15 -0.86 -4.93
C1 LNK E . 2.98 -7.49 0.96
C2 LNK E . 2.11 -8.26 1.95
C3 LNK E . 0.67 -7.86 1.70
C4 LNK E . -0.31 -8.38 2.73
C5 LNK E . -1.68 -7.80 2.45
C1 OCT F . 11.26 1.04 -9.97
C2 OCT F . 9.79 0.79 -10.27
C3 OCT F . 9.66 -0.46 -11.14
C4 OCT F . 8.24 -0.74 -11.61
C5 OCT F . 7.78 -2.09 -11.08
C6 OCT F . 6.31 -2.37 -11.34
C7 OCT F . 5.85 -3.63 -10.62
C8 OCT F . 5.91 -3.56 -9.10
#